data_4Q4P
#
_entry.id   4Q4P
#
_cell.length_a   89.985
_cell.length_b   64.853
_cell.length_c   70.741
_cell.angle_alpha   90.00
_cell.angle_beta   93.32
_cell.angle_gamma   90.00
#
_symmetry.space_group_name_H-M   'C 1 2 1'
#
loop_
_entity.id
_entity.type
_entity.pdbx_description
1 polymer 'Queuine tRNA-ribosyltransferase'
2 non-polymer 'ZINC ION'
3 non-polymer GLYCEROL
4 non-polymer 'DIMETHYL SULFOXIDE'
5 non-polymer 'CHLORIDE ION'
6 non-polymer 2-{[2-(piperidin-1-yl)ethyl]amino}-3,5-dihydro-8H-imidazo[4,5-g]quinazolin-8-one
7 water water
#
_entity_poly.entity_id   1
_entity_poly.type   'polypeptide(L)'
_entity_poly.pdbx_seq_one_letter_code
;MVEATAQETDRPRFSFSIAAREGKARTGTIEMKRGVIRTPAFMPVGTAATVKALKPETVRATGADIILGNTYHLMLRPGA
ERIAKLGGLHSFMGWDRPILTDSGGYQVMSLSSLTKQSEEGVTFKSHLDGSRHMLSPERSIEIQHLLGSDIVMAFDECTP
YPATPSRAASSMERSMRWAKRSRDAFDSRKEQAENAALFGIQQGSVFENLRQQSADALAEIGFDGYAVGGLAVGEGQDEM
FRVLDFSVPMLPDDKPHYLMGVGKPDDIVGAVERGIDMFDCVLPTRSGRNGQAFTWDGPINIRNARFSEDLKPLDSECHC
AVCQKWSRAYIHHLIRAGEILGAMLMTEHNIAFYQQLMQKIRDSISEGRFSQFAQDFRARYFARNS
;
_entity_poly.pdbx_strand_id   A
#
loop_
_chem_comp.id
_chem_comp.type
_chem_comp.name
_chem_comp.formula
2YO non-polymer 2-{[2-(piperidin-1-yl)ethyl]amino}-3,5-dihydro-8H-imidazo[4,5-g]quinazolin-8-one 'C16 H20 N6 O'
CL non-polymer 'CHLORIDE ION' 'Cl -1'
DMS non-polymer 'DIMETHYL SULFOXIDE' 'C2 H6 O S'
GOL non-polymer GLYCEROL 'C3 H8 O3'
ZN non-polymer 'ZINC ION' 'Zn 2'
#
# COMPACT_ATOMS: atom_id res chain seq x y z
N ARG A 11 7.52 21.86 9.26
CA ARG A 11 6.84 21.04 8.28
C ARG A 11 5.39 20.78 8.71
N PRO A 12 4.48 20.71 7.74
CA PRO A 12 3.07 20.45 8.09
C PRO A 12 2.83 19.01 8.51
N ARG A 13 1.82 18.85 9.35
CA ARG A 13 1.35 17.51 9.76
C ARG A 13 0.89 16.68 8.57
N PHE A 14 0.05 17.26 7.74
CA PHE A 14 -0.52 16.57 6.59
C PHE A 14 -1.13 17.59 5.65
N SER A 15 -0.54 17.73 4.47
CA SER A 15 -1.07 18.64 3.46
CA SER A 15 -1.07 18.64 3.46
C SER A 15 -0.98 18.00 2.10
N PHE A 16 -2.15 17.75 1.51
CA PHE A 16 -2.25 17.15 0.18
C PHE A 16 -2.50 18.23 -0.85
N SER A 17 -1.66 18.27 -1.88
CA SER A 17 -1.78 19.22 -2.98
CA SER A 17 -1.82 19.21 -2.98
C SER A 17 -1.82 18.48 -4.30
N ILE A 18 -2.82 18.77 -5.13
CA ILE A 18 -2.91 18.18 -6.46
C ILE A 18 -2.32 19.17 -7.47
N ALA A 19 -1.26 18.74 -8.16
CA ALA A 19 -0.54 19.62 -9.07
C ALA A 19 -1.08 19.52 -10.50
N ALA A 20 -1.63 18.35 -10.84
CA ALA A 20 -2.11 18.12 -12.20
C ALA A 20 -3.12 16.99 -12.24
N ARG A 21 -3.99 17.04 -13.25
CA ARG A 21 -5.03 16.04 -13.44
C ARG A 21 -5.11 15.63 -14.90
N GLU A 22 -5.54 14.40 -15.14
CA GLU A 22 -5.89 13.94 -16.47
C GLU A 22 -7.03 12.95 -16.30
N GLY A 23 -8.22 13.33 -16.74
CA GLY A 23 -9.40 12.54 -16.45
C GLY A 23 -9.56 12.38 -14.95
N LYS A 24 -9.67 11.15 -14.47
CA LYS A 24 -9.79 10.89 -13.03
C LYS A 24 -8.44 10.78 -12.34
N ALA A 25 -7.36 10.73 -13.12
CA ALA A 25 -6.02 10.58 -12.55
C ALA A 25 -5.51 11.90 -11.98
N ARG A 26 -4.80 11.84 -10.86
CA ARG A 26 -4.21 13.02 -10.24
C ARG A 26 -2.76 12.78 -9.93
N THR A 27 -1.96 13.83 -9.92
CA THR A 27 -0.61 13.72 -9.40
C THR A 27 -0.34 14.94 -8.50
N GLY A 28 0.45 14.72 -7.46
CA GLY A 28 0.66 15.78 -6.48
C GLY A 28 1.59 15.34 -5.38
N THR A 29 1.42 15.95 -4.21
CA THR A 29 2.28 15.69 -3.07
C THR A 29 1.49 15.66 -1.76
N ILE A 30 1.93 14.81 -0.84
CA ILE A 30 1.50 14.90 0.55
C ILE A 30 2.71 15.34 1.35
N GLU A 31 2.63 16.52 1.99
CA GLU A 31 3.69 16.96 2.89
C GLU A 31 3.39 16.54 4.31
N MET A 32 4.35 15.87 4.94
CA MET A 32 4.23 15.45 6.34
C MET A 32 5.48 15.84 7.09
N LYS A 33 5.47 15.69 8.41
CA LYS A 33 6.60 16.16 9.20
C LYS A 33 7.89 15.41 8.87
N ARG A 34 7.80 14.11 8.55
CA ARG A 34 9.01 13.34 8.27
CA ARG A 34 9.00 13.32 8.27
C ARG A 34 9.38 13.28 6.80
N GLY A 35 8.61 13.97 5.94
CA GLY A 35 8.96 13.99 4.53
C GLY A 35 7.80 14.23 3.58
N VAL A 36 8.15 14.42 2.31
CA VAL A 36 7.17 14.58 1.25
C VAL A 36 6.90 13.26 0.52
N ILE A 37 5.62 13.00 0.22
CA ILE A 37 5.20 11.82 -0.49
C ILE A 37 4.69 12.24 -1.87
N ARG A 38 5.36 11.79 -2.92
CA ARG A 38 4.91 12.07 -4.28
C ARG A 38 3.81 11.10 -4.68
N THR A 39 2.71 11.62 -5.23
CA THR A 39 1.58 10.78 -5.58
C THR A 39 1.31 10.87 -7.09
N PRO A 40 0.86 9.76 -7.71
CA PRO A 40 0.57 8.46 -7.08
C PRO A 40 1.82 7.80 -6.53
N ALA A 41 1.64 7.17 -5.35
CA ALA A 41 2.72 6.62 -4.56
C ALA A 41 2.60 5.11 -4.42
N PHE A 42 3.74 4.43 -4.47
CA PHE A 42 3.78 3.03 -4.09
C PHE A 42 4.58 2.88 -2.81
N MET A 43 3.99 2.15 -1.87
CA MET A 43 4.60 1.87 -0.57
C MET A 43 5.13 0.44 -0.49
N PRO A 44 6.45 0.28 -0.44
CA PRO A 44 7.02 -1.02 -0.11
C PRO A 44 6.52 -1.47 1.26
N VAL A 45 6.33 -2.77 1.42
CA VAL A 45 5.79 -3.30 2.67
C VAL A 45 6.91 -3.77 3.60
N GLY A 46 6.89 -3.24 4.82
CA GLY A 46 7.74 -3.69 5.90
C GLY A 46 6.97 -4.66 6.79
N THR A 47 7.35 -5.93 6.69
CA THR A 47 6.82 -6.98 7.55
C THR A 47 7.82 -7.18 8.70
N ALA A 48 7.31 -7.18 9.92
CA ALA A 48 8.14 -7.30 11.11
C ALA A 48 9.30 -6.30 11.09
N ALA A 49 9.00 -5.05 10.78
CA ALA A 49 9.94 -3.94 10.90
C ALA A 49 11.14 -4.08 9.96
N THR A 50 10.92 -4.67 8.81
CA THR A 50 11.91 -4.66 7.74
C THR A 50 11.24 -4.85 6.39
N VAL A 51 11.68 -4.07 5.40
CA VAL A 51 11.35 -4.35 4.01
C VAL A 51 12.26 -5.49 3.61
N LYS A 52 11.71 -6.68 3.40
CA LYS A 52 12.52 -7.91 3.37
C LYS A 52 13.69 -7.83 2.38
N ALA A 53 14.88 -8.10 2.92
CA ALA A 53 16.15 -8.20 2.21
C ALA A 53 16.74 -6.86 1.78
N LEU A 54 16.20 -5.76 2.30
CA LEU A 54 16.71 -4.41 1.98
C LEU A 54 17.02 -3.57 3.21
N LYS A 55 18.19 -2.95 3.24
CA LYS A 55 18.41 -1.86 4.19
C LYS A 55 17.49 -0.68 3.87
N PRO A 56 17.11 0.10 4.88
CA PRO A 56 16.28 1.29 4.61
C PRO A 56 16.93 2.25 3.60
N GLU A 57 18.26 2.39 3.63
CA GLU A 57 18.93 3.29 2.69
C GLU A 57 18.71 2.80 1.25
N THR A 58 18.64 1.50 1.07
CA THR A 58 18.39 0.93 -0.25
C THR A 58 16.94 1.14 -0.68
N VAL A 59 16.02 0.96 0.27
CA VAL A 59 14.61 1.29 0.00
C VAL A 59 14.50 2.73 -0.50
N ARG A 60 15.16 3.65 0.21
CA ARG A 60 15.10 5.06 -0.20
C ARG A 60 15.76 5.27 -1.57
N ALA A 61 16.88 4.58 -1.82
CA ALA A 61 17.60 4.76 -3.07
C ALA A 61 16.74 4.37 -4.28
N THR A 62 15.81 3.43 -4.08
CA THR A 62 14.93 3.04 -5.18
C THR A 62 13.89 4.10 -5.50
N GLY A 63 13.70 5.07 -4.61
CA GLY A 63 12.76 6.16 -4.84
C GLY A 63 11.58 6.18 -3.89
N ALA A 64 11.47 5.22 -2.99
CA ALA A 64 10.35 5.18 -2.06
C ALA A 64 10.33 6.38 -1.12
N ASP A 65 9.15 6.99 -0.96
CA ASP A 65 8.96 8.14 -0.06
C ASP A 65 8.37 7.75 1.28
N ILE A 66 7.74 6.58 1.31
CA ILE A 66 6.98 6.12 2.47
C ILE A 66 6.91 4.59 2.37
N ILE A 67 6.89 3.91 3.51
CA ILE A 67 6.71 2.46 3.53
C ILE A 67 5.49 2.12 4.38
N LEU A 68 4.95 0.92 4.15
CA LEU A 68 3.88 0.42 4.99
C LEU A 68 4.48 -0.48 6.06
N GLY A 69 4.14 -0.22 7.31
CA GLY A 69 4.53 -1.08 8.39
C GLY A 69 3.37 -1.95 8.79
N ASN A 70 3.49 -3.26 8.58
CA ASN A 70 2.53 -4.19 9.14
C ASN A 70 2.60 -4.11 10.65
N THR A 71 1.45 -4.08 11.30
CA THR A 71 1.32 -3.96 12.74
C THR A 71 1.14 -5.32 13.43
N TYR A 72 0.54 -6.27 12.71
CA TYR A 72 0.13 -7.53 13.30
C TYR A 72 1.28 -8.29 13.96
N HIS A 73 2.37 -8.48 13.22
CA HIS A 73 3.47 -9.24 13.77
C HIS A 73 4.14 -8.45 14.88
N LEU A 74 4.31 -7.16 14.67
CA LEU A 74 5.00 -6.29 15.63
C LEU A 74 4.27 -6.19 16.96
N MET A 75 2.94 -6.22 16.92
CA MET A 75 2.21 -6.11 18.18
C MET A 75 2.33 -7.39 18.99
N LEU A 76 2.75 -8.48 18.35
CA LEU A 76 3.01 -9.74 19.04
C LEU A 76 4.45 -9.83 19.54
N ARG A 77 5.39 -9.55 18.64
CA ARG A 77 6.81 -9.54 18.97
C ARG A 77 7.52 -8.51 18.10
N PRO A 78 8.27 -7.57 18.73
CA PRO A 78 8.60 -7.39 20.14
C PRO A 78 7.44 -6.88 20.99
N GLY A 79 6.38 -6.42 20.36
CA GLY A 79 5.28 -5.81 21.09
C GLY A 79 5.35 -4.31 20.93
N ALA A 80 4.19 -3.67 20.95
CA ALA A 80 4.11 -2.23 20.72
C ALA A 80 4.74 -1.43 21.85
N GLU A 81 4.45 -1.81 23.10
CA GLU A 81 5.07 -1.14 24.26
C GLU A 81 6.59 -1.24 24.19
N ARG A 82 7.11 -2.42 23.82
CA ARG A 82 8.54 -2.61 23.75
C ARG A 82 9.16 -1.74 22.66
N ILE A 83 8.54 -1.69 21.49
CA ILE A 83 9.07 -0.86 20.42
C ILE A 83 9.06 0.61 20.87
N ALA A 84 8.03 1.04 21.59
CA ALA A 84 7.99 2.42 22.08
C ALA A 84 9.12 2.67 23.08
N LYS A 85 9.37 1.71 23.96
CA LYS A 85 10.48 1.83 24.90
C LYS A 85 11.81 1.97 24.17
N LEU A 86 11.95 1.30 23.03
CA LEU A 86 13.19 1.34 22.26
C LEU A 86 13.30 2.56 21.37
N GLY A 87 12.28 3.42 21.38
CA GLY A 87 12.35 4.69 20.70
C GLY A 87 11.42 4.84 19.52
N GLY A 88 10.56 3.85 19.30
CA GLY A 88 9.61 3.90 18.20
C GLY A 88 10.08 3.15 16.97
N LEU A 89 9.15 2.85 16.06
CA LEU A 89 9.47 2.02 14.90
C LEU A 89 10.51 2.68 13.99
N HIS A 90 10.44 4.00 13.81
CA HIS A 90 11.38 4.67 12.90
C HIS A 90 12.82 4.46 13.34
N SER A 91 13.10 4.76 14.60
CA SER A 91 14.41 4.56 15.19
C SER A 91 14.83 3.09 15.18
N PHE A 92 13.89 2.22 15.55
CA PHE A 92 14.14 0.79 15.67
C PHE A 92 14.68 0.21 14.35
N MET A 93 13.98 0.49 13.25
CA MET A 93 14.35 -0.12 11.97
C MET A 93 15.25 0.78 11.14
N GLY A 94 15.45 2.02 11.56
CA GLY A 94 16.31 2.92 10.80
C GLY A 94 15.72 3.56 9.55
N TRP A 95 14.41 3.75 9.55
CA TRP A 95 13.73 4.49 8.48
C TRP A 95 13.15 5.78 9.05
N ASP A 96 13.65 6.93 8.60
CA ASP A 96 13.27 8.19 9.24
C ASP A 96 12.20 8.98 8.48
N ARG A 97 11.69 8.39 7.41
CA ARG A 97 10.67 9.02 6.58
C ARG A 97 9.27 8.52 7.01
N PRO A 98 8.20 9.00 6.34
CA PRO A 98 6.87 8.56 6.77
C PRO A 98 6.67 7.03 6.73
N ILE A 99 5.90 6.55 7.69
CA ILE A 99 5.45 5.17 7.74
C ILE A 99 3.93 5.19 7.88
N LEU A 100 3.26 4.48 6.98
CA LEU A 100 1.84 4.20 7.15
C LEU A 100 1.73 2.86 7.84
N THR A 101 0.99 2.79 8.95
CA THR A 101 0.77 1.51 9.61
C THR A 101 -0.64 1.01 9.35
N ASP A 102 -0.78 -0.29 9.10
CA ASP A 102 -2.12 -0.86 9.00
C ASP A 102 -2.67 -1.10 10.41
N SER A 103 -3.92 -1.50 10.50
CA SER A 103 -4.61 -1.56 11.79
C SER A 103 -4.30 -2.82 12.59
N GLY A 104 -3.76 -3.82 11.91
CA GLY A 104 -3.53 -5.12 12.53
C GLY A 104 -4.63 -6.13 12.30
N GLY A 105 -5.83 -5.64 11.98
CA GLY A 105 -6.98 -6.51 11.91
C GLY A 105 -7.06 -7.41 10.69
N TYR A 106 -6.62 -6.92 9.54
CA TYR A 106 -6.69 -7.69 8.30
C TYR A 106 -5.94 -9.00 8.45
N GLN A 107 -4.73 -8.92 8.99
CA GLN A 107 -3.90 -10.10 9.15
C GLN A 107 -4.35 -10.96 10.33
N VAL A 108 -5.06 -10.37 11.30
CA VAL A 108 -5.65 -11.16 12.38
C VAL A 108 -6.61 -12.16 11.77
N MET A 109 -7.44 -11.69 10.84
CA MET A 109 -8.40 -12.55 10.17
C MET A 109 -7.70 -13.52 9.22
N SER A 110 -6.56 -13.11 8.69
CA SER A 110 -5.86 -13.93 7.70
C SER A 110 -4.86 -14.92 8.31
N LEU A 111 -4.21 -14.54 9.41
CA LEU A 111 -3.07 -15.31 9.90
C LEU A 111 -3.26 -16.06 11.22
N SER A 112 -4.32 -15.76 11.96
CA SER A 112 -4.51 -16.39 13.27
C SER A 112 -5.74 -17.30 13.30
N THR A 115 -10.49 -17.19 15.71
CA THR A 115 -10.84 -15.79 15.95
C THR A 115 -12.31 -15.64 16.30
N LYS A 116 -12.62 -14.67 17.14
CA LYS A 116 -14.00 -14.38 17.52
C LYS A 116 -14.31 -12.90 17.33
N GLN A 117 -15.32 -12.61 16.51
CA GLN A 117 -15.71 -11.24 16.22
C GLN A 117 -16.90 -10.77 17.07
N SER A 118 -16.84 -9.52 17.49
CA SER A 118 -17.92 -8.91 18.27
C SER A 118 -17.97 -7.43 17.95
N GLU A 119 -18.93 -6.72 18.53
CA GLU A 119 -19.00 -5.28 18.30
C GLU A 119 -17.80 -4.57 18.93
N GLU A 120 -17.26 -5.14 20.01
CA GLU A 120 -16.09 -4.55 20.65
C GLU A 120 -14.84 -4.61 19.77
N GLY A 121 -14.68 -5.71 19.06
CA GLY A 121 -13.50 -5.92 18.23
C GLY A 121 -13.29 -7.39 17.92
N VAL A 122 -12.04 -7.78 17.74
CA VAL A 122 -11.72 -9.16 17.41
C VAL A 122 -10.82 -9.80 18.47
N THR A 123 -11.22 -10.97 18.95
CA THR A 123 -10.41 -11.77 19.86
C THR A 123 -9.71 -12.85 19.04
N PHE A 124 -8.45 -13.14 19.37
CA PHE A 124 -7.70 -14.12 18.59
C PHE A 124 -6.58 -14.80 19.39
N LYS A 125 -6.19 -15.98 18.94
CA LYS A 125 -5.13 -16.74 19.60
C LYS A 125 -3.79 -16.52 18.89
N HIS A 133 -5.63 -12.49 22.91
CA HIS A 133 -5.56 -11.05 22.67
C HIS A 133 -6.86 -10.52 22.06
N MET A 134 -7.23 -9.31 22.45
CA MET A 134 -8.37 -8.61 21.86
C MET A 134 -7.90 -7.35 21.14
N LEU A 135 -8.22 -7.25 19.86
CA LEU A 135 -7.92 -6.08 19.07
C LEU A 135 -9.19 -5.29 18.77
N SER A 136 -9.23 -4.04 19.23
CA SER A 136 -10.38 -3.16 19.07
C SER A 136 -9.94 -1.91 18.33
N PRO A 137 -10.89 -1.08 17.88
CA PRO A 137 -10.47 0.20 17.29
C PRO A 137 -9.57 1.02 18.23
N GLU A 138 -9.94 1.12 19.50
CA GLU A 138 -9.15 1.87 20.47
C GLU A 138 -7.76 1.27 20.67
N ARG A 139 -7.67 -0.04 20.82
CA ARG A 139 -6.36 -0.68 20.99
C ARG A 139 -5.51 -0.57 19.73
N SER A 140 -6.13 -0.67 18.56
CA SER A 140 -5.39 -0.53 17.31
C SER A 140 -4.76 0.85 17.19
N ILE A 141 -5.55 1.88 17.49
CA ILE A 141 -5.05 3.25 17.44
C ILE A 141 -3.90 3.45 18.43
N GLU A 142 -4.04 2.89 19.64
CA GLU A 142 -2.99 3.01 20.64
C GLU A 142 -1.71 2.29 20.21
N ILE A 143 -1.86 1.11 19.60
CA ILE A 143 -0.70 0.37 19.12
C ILE A 143 0.03 1.16 18.05
N GLN A 144 -0.73 1.73 17.10
CA GLN A 144 -0.13 2.52 16.04
C GLN A 144 0.53 3.76 16.64
N HIS A 145 -0.06 4.32 17.70
CA HIS A 145 0.57 5.45 18.40
C HIS A 145 1.91 5.05 19.00
N LEU A 146 1.94 3.92 19.69
CA LEU A 146 3.15 3.43 20.33
C LEU A 146 4.25 3.15 19.30
N LEU A 147 3.87 2.68 18.13
CA LEU A 147 4.85 2.45 17.05
C LEU A 147 5.38 3.77 16.50
N GLY A 148 4.61 4.84 16.67
CA GLY A 148 5.00 6.14 16.14
C GLY A 148 4.66 6.34 14.67
N SER A 149 3.58 5.70 14.24
CA SER A 149 3.06 5.81 12.87
C SER A 149 2.83 7.26 12.42
N ASP A 150 3.12 7.55 11.15
CA ASP A 150 2.76 8.85 10.56
C ASP A 150 1.36 8.85 9.94
N ILE A 151 0.99 7.78 9.25
CA ILE A 151 -0.38 7.64 8.76
C ILE A 151 -0.98 6.42 9.42
N VAL A 152 -2.03 6.66 10.20
CA VAL A 152 -2.73 5.67 10.99
C VAL A 152 -3.97 5.21 10.23
N MET A 153 -4.16 3.90 10.11
CA MET A 153 -5.40 3.38 9.50
C MET A 153 -6.48 3.09 10.54
N ALA A 154 -7.70 3.53 10.26
CA ALA A 154 -8.84 3.13 11.07
C ALA A 154 -8.94 1.61 11.09
N PHE A 155 -9.41 1.08 12.21
CA PHE A 155 -9.63 -0.36 12.37
C PHE A 155 -10.96 -0.73 11.70
N ASP A 156 -10.91 -1.67 10.76
CA ASP A 156 -12.09 -2.02 9.97
C ASP A 156 -12.28 -3.53 9.87
N GLU A 157 -13.23 -3.92 9.04
CA GLU A 157 -13.47 -5.32 8.71
C GLU A 157 -13.48 -5.45 7.19
N CYS A 158 -12.57 -6.28 6.66
CA CYS A 158 -12.57 -6.54 5.23
C CYS A 158 -13.60 -7.63 4.92
N THR A 159 -14.70 -7.23 4.30
CA THR A 159 -15.76 -8.17 3.95
C THR A 159 -15.25 -9.23 2.98
N PRO A 160 -15.48 -10.51 3.30
CA PRO A 160 -15.07 -11.58 2.37
C PRO A 160 -15.82 -11.46 1.05
N TYR A 161 -15.19 -11.96 -0.02
CA TYR A 161 -15.79 -11.99 -1.35
C TYR A 161 -15.97 -13.43 -1.81
N PRO A 162 -17.16 -13.78 -2.33
CA PRO A 162 -18.34 -12.91 -2.46
C PRO A 162 -19.13 -12.77 -1.16
N ALA A 163 -19.98 -11.75 -1.10
CA ALA A 163 -20.86 -11.55 0.05
C ALA A 163 -22.27 -11.23 -0.43
N THR A 164 -23.27 -11.72 0.30
CA THR A 164 -24.64 -11.33 0.02
C THR A 164 -24.76 -9.84 0.32
N PRO A 165 -25.74 -9.17 -0.30
CA PRO A 165 -25.94 -7.75 0.02
C PRO A 165 -26.19 -7.52 1.51
N SER A 166 -26.93 -8.40 2.18
CA SER A 166 -27.23 -8.23 3.59
CA SER A 166 -27.23 -8.24 3.59
C SER A 166 -25.98 -8.41 4.45
N ARG A 167 -25.16 -9.40 4.10
CA ARG A 167 -23.91 -9.60 4.84
C ARG A 167 -22.94 -8.46 4.61
N ALA A 168 -22.86 -8.00 3.36
CA ALA A 168 -21.99 -6.87 3.05
C ALA A 168 -22.46 -5.62 3.80
N ALA A 169 -23.78 -5.46 3.94
CA ALA A 169 -24.32 -4.28 4.60
C ALA A 169 -23.99 -4.26 6.08
N SER A 170 -24.25 -5.38 6.77
CA SER A 170 -24.01 -5.44 8.20
CA SER A 170 -24.00 -5.47 8.21
C SER A 170 -22.51 -5.31 8.50
N SER A 171 -21.68 -5.90 7.64
CA SER A 171 -20.24 -5.77 7.79
C SER A 171 -19.79 -4.32 7.63
N MET A 172 -20.27 -3.67 6.56
CA MET A 172 -19.87 -2.28 6.28
C MET A 172 -20.32 -1.37 7.42
N GLU A 173 -21.52 -1.60 7.95
CA GLU A 173 -22.05 -0.75 9.01
C GLU A 173 -21.20 -0.88 10.29
N ARG A 174 -20.76 -2.09 10.61
CA ARG A 174 -19.86 -2.29 11.74
CA ARG A 174 -19.86 -2.31 11.73
C ARG A 174 -18.54 -1.55 11.50
N SER A 175 -18.01 -1.66 10.29
CA SER A 175 -16.80 -0.92 9.96
C SER A 175 -16.97 0.59 10.13
N MET A 176 -18.15 1.11 9.80
CA MET A 176 -18.34 2.55 9.94
C MET A 176 -18.42 2.94 11.41
N ARG A 177 -19.03 2.09 12.25
CA ARG A 177 -19.03 2.37 13.68
C ARG A 177 -17.61 2.30 14.23
N TRP A 178 -16.83 1.34 13.76
CA TRP A 178 -15.42 1.25 14.14
C TRP A 178 -14.60 2.44 13.62
N ALA A 179 -15.00 3.00 12.48
CA ALA A 179 -14.31 4.17 11.92
C ALA A 179 -14.47 5.37 12.85
N LYS A 180 -15.69 5.56 13.36
CA LYS A 180 -15.95 6.63 14.31
C LYS A 180 -15.15 6.40 15.60
N ARG A 181 -15.12 5.16 16.07
CA ARG A 181 -14.35 4.87 17.28
C ARG A 181 -12.85 5.10 17.06
N SER A 182 -12.37 4.80 15.85
CA SER A 182 -10.96 5.04 15.51
C SER A 182 -10.66 6.54 15.53
N ARG A 183 -11.54 7.33 14.90
CA ARG A 183 -11.46 8.78 14.90
C ARG A 183 -11.37 9.34 16.31
N ASP A 184 -12.28 8.91 17.18
CA ASP A 184 -12.32 9.43 18.55
C ASP A 184 -11.07 9.06 19.34
N ALA A 185 -10.59 7.82 19.20
CA ALA A 185 -9.39 7.38 19.92
C ALA A 185 -8.18 8.17 19.44
N PHE A 186 -8.07 8.37 18.14
CA PHE A 186 -6.98 9.15 17.57
C PHE A 186 -7.02 10.59 18.08
N ASP A 187 -8.18 11.21 18.04
CA ASP A 187 -8.31 12.60 18.46
C ASP A 187 -8.06 12.84 19.94
N SER A 188 -8.21 11.80 20.75
CA SER A 188 -8.05 11.97 22.20
CA SER A 188 -8.04 11.90 22.20
C SER A 188 -6.58 11.91 22.62
N ARG A 189 -5.71 11.51 21.71
CA ARG A 189 -4.28 11.45 21.95
C ARG A 189 -3.61 12.65 21.28
N LYS A 190 -3.41 13.71 22.06
CA LYS A 190 -2.92 15.00 21.56
C LYS A 190 -1.68 14.89 20.67
N GLU A 191 -0.69 14.13 21.11
CA GLU A 191 0.55 14.01 20.35
C GLU A 191 0.32 13.32 19.00
N GLN A 192 -0.58 12.34 18.97
CA GLN A 192 -0.92 11.66 17.75
C GLN A 192 -1.67 12.59 16.80
N ALA A 193 -2.66 13.31 17.34
CA ALA A 193 -3.45 14.21 16.53
C ALA A 193 -2.62 15.36 15.96
N GLU A 194 -1.59 15.78 16.71
CA GLU A 194 -0.71 16.87 16.28
C GLU A 194 0.27 16.45 15.20
N ASN A 195 0.70 15.19 15.22
CA ASN A 195 1.86 14.79 14.38
C ASN A 195 1.57 13.74 13.32
N ALA A 196 0.43 13.07 13.44
CA ALA A 196 0.08 12.00 12.51
C ALA A 196 -1.21 12.32 11.76
N ALA A 197 -1.53 11.48 10.79
CA ALA A 197 -2.76 11.59 10.02
C ALA A 197 -3.57 10.30 10.17
N LEU A 198 -4.87 10.39 9.93
CA LEU A 198 -5.76 9.23 10.06
C LEU A 198 -6.56 9.02 8.78
N PHE A 199 -6.53 7.78 8.27
CA PHE A 199 -7.29 7.42 7.07
C PHE A 199 -8.48 6.52 7.43
N GLY A 200 -9.62 6.74 6.77
CA GLY A 200 -10.78 5.87 6.93
C GLY A 200 -10.81 4.90 5.76
N ILE A 201 -11.55 3.81 5.91
CA ILE A 201 -11.59 2.77 4.89
C ILE A 201 -13.02 2.46 4.46
N GLN A 202 -13.29 2.68 3.17
CA GLN A 202 -14.60 2.41 2.58
C GLN A 202 -14.82 0.91 2.42
N GLN A 203 -16.01 0.44 2.77
CA GLN A 203 -16.39 -0.95 2.51
C GLN A 203 -17.69 -0.97 1.70
N GLY A 204 -18.38 -2.11 1.66
CA GLY A 204 -19.57 -2.23 0.84
C GLY A 204 -19.48 -3.26 -0.26
N SER A 205 -18.41 -4.05 -0.26
CA SER A 205 -18.26 -5.16 -1.21
C SER A 205 -18.35 -4.62 -2.63
N VAL A 206 -19.13 -5.28 -3.48
CA VAL A 206 -19.24 -4.84 -4.88
C VAL A 206 -20.52 -4.05 -5.14
N PHE A 207 -21.18 -3.61 -4.06
CA PHE A 207 -22.50 -3.01 -4.18
C PHE A 207 -22.44 -1.49 -4.12
N GLU A 208 -22.91 -0.85 -5.19
CA GLU A 208 -22.82 0.58 -5.35
C GLU A 208 -23.52 1.35 -4.23
N ASN A 209 -24.73 0.93 -3.85
CA ASN A 209 -25.45 1.65 -2.81
C ASN A 209 -24.73 1.58 -1.45
N LEU A 210 -24.13 0.44 -1.15
CA LEU A 210 -23.41 0.28 0.11
C LEU A 210 -22.09 1.06 0.10
N ARG A 211 -21.42 1.11 -1.04
CA ARG A 211 -20.22 1.90 -1.20
C ARG A 211 -20.54 3.37 -0.97
N GLN A 212 -21.71 3.80 -1.46
CA GLN A 212 -22.14 5.19 -1.28
C GLN A 212 -22.44 5.49 0.18
N GLN A 213 -23.16 4.60 0.84
CA GLN A 213 -23.46 4.77 2.26
C GLN A 213 -22.16 4.81 3.06
N SER A 214 -21.20 3.98 2.68
CA SER A 214 -19.92 3.94 3.39
C SER A 214 -19.16 5.25 3.19
N ALA A 215 -19.08 5.72 1.94
CA ALA A 215 -18.41 6.99 1.65
C ALA A 215 -19.04 8.14 2.42
N ASP A 216 -20.38 8.16 2.47
CA ASP A 216 -21.11 9.19 3.21
C ASP A 216 -20.75 9.17 4.69
N ALA A 217 -20.71 7.98 5.27
CA ALA A 217 -20.39 7.85 6.69
C ALA A 217 -18.98 8.35 6.98
N LEU A 218 -18.04 7.98 6.13
CA LEU A 218 -16.65 8.35 6.35
C LEU A 218 -16.45 9.85 6.20
N ALA A 219 -17.11 10.44 5.21
CA ALA A 219 -17.00 11.87 4.99
C ALA A 219 -17.62 12.66 6.14
N GLU A 220 -18.71 12.14 6.70
CA GLU A 220 -19.37 12.77 7.84
C GLU A 220 -18.44 12.82 9.05
N ILE A 221 -17.69 11.74 9.27
CA ILE A 221 -16.73 11.67 10.36
C ILE A 221 -15.56 12.59 10.06
N GLY A 222 -15.04 12.47 8.83
CA GLY A 222 -13.93 13.28 8.36
C GLY A 222 -12.59 12.60 8.61
N PHE A 223 -11.84 12.37 7.53
CA PHE A 223 -10.51 11.77 7.62
C PHE A 223 -9.52 12.54 6.77
N ASP A 224 -8.23 12.28 6.99
CA ASP A 224 -7.20 12.95 6.19
C ASP A 224 -7.04 12.31 4.81
N GLY A 225 -7.46 11.06 4.71
CA GLY A 225 -7.40 10.32 3.46
C GLY A 225 -8.40 9.18 3.53
N TYR A 226 -8.70 8.60 2.38
CA TYR A 226 -9.74 7.58 2.29
C TYR A 226 -9.23 6.41 1.50
N ALA A 227 -9.27 5.24 2.12
CA ALA A 227 -8.92 4.02 1.44
C ALA A 227 -10.15 3.33 0.87
N VAL A 228 -9.95 2.67 -0.27
CA VAL A 228 -10.93 1.76 -0.79
C VAL A 228 -10.59 0.36 -0.29
N GLY A 229 -11.38 -0.13 0.66
CA GLY A 229 -11.15 -1.44 1.22
C GLY A 229 -12.00 -2.48 0.52
N GLY A 230 -11.83 -3.73 0.92
CA GLY A 230 -12.68 -4.82 0.45
C GLY A 230 -12.44 -5.29 -0.97
N LEU A 231 -11.33 -4.87 -1.56
CA LEU A 231 -10.96 -5.28 -2.92
C LEU A 231 -9.62 -6.02 -2.92
N ALA A 232 -9.23 -6.55 -4.08
CA ALA A 232 -8.08 -7.44 -4.18
C ALA A 232 -8.21 -8.59 -3.17
N VAL A 233 -9.40 -9.20 -3.14
CA VAL A 233 -9.66 -10.32 -2.25
C VAL A 233 -10.29 -11.48 -3.02
N GLY A 234 -9.96 -11.55 -4.30
CA GLY A 234 -10.35 -12.68 -5.13
C GLY A 234 -11.33 -12.37 -6.23
N GLU A 235 -11.74 -11.11 -6.34
CA GLU A 235 -12.76 -10.73 -7.32
C GLU A 235 -12.22 -10.59 -8.75
N GLY A 236 -10.92 -10.41 -8.90
CA GLY A 236 -10.35 -10.31 -10.24
C GLY A 236 -10.31 -8.87 -10.73
N GLN A 237 -9.44 -8.58 -11.70
CA GLN A 237 -9.23 -7.21 -12.11
C GLN A 237 -10.46 -6.54 -12.73
N ASP A 238 -11.18 -7.26 -13.60
CA ASP A 238 -12.36 -6.69 -14.24
C ASP A 238 -13.36 -6.18 -13.19
N GLU A 239 -13.63 -7.02 -12.21
CA GLU A 239 -14.60 -6.66 -11.18
C GLU A 239 -14.06 -5.56 -10.26
N MET A 240 -12.77 -5.63 -9.94
CA MET A 240 -12.14 -4.62 -9.12
C MET A 240 -12.26 -3.26 -9.80
N PHE A 241 -11.97 -3.23 -11.10
CA PHE A 241 -12.05 -1.98 -11.87
C PHE A 241 -13.49 -1.46 -11.95
N ARG A 242 -14.45 -2.38 -12.12
CA ARG A 242 -15.87 -2.01 -12.15
C ARG A 242 -16.28 -1.32 -10.84
N VAL A 243 -15.85 -1.88 -9.72
CA VAL A 243 -16.20 -1.30 -8.43
C VAL A 243 -15.48 0.04 -8.24
N LEU A 244 -14.20 0.12 -8.63
CA LEU A 244 -13.47 1.38 -8.54
C LEU A 244 -14.14 2.48 -9.38
N ASP A 245 -14.67 2.08 -10.53
CA ASP A 245 -15.35 3.03 -11.44
C ASP A 245 -16.38 3.89 -10.72
N PHE A 246 -17.22 3.28 -9.88
CA PHE A 246 -18.21 4.08 -9.18
C PHE A 246 -17.80 4.44 -7.75
N SER A 247 -16.85 3.72 -7.17
CA SER A 247 -16.53 3.91 -5.76
C SER A 247 -15.62 5.10 -5.49
N VAL A 248 -14.58 5.26 -6.30
CA VAL A 248 -13.64 6.34 -6.02
C VAL A 248 -14.27 7.74 -6.15
N PRO A 249 -15.14 7.98 -7.15
CA PRO A 249 -15.76 9.31 -7.20
C PRO A 249 -16.64 9.64 -5.98
N MET A 250 -17.02 8.63 -5.19
CA MET A 250 -17.81 8.87 -3.99
C MET A 250 -16.99 9.49 -2.86
N LEU A 251 -15.67 9.31 -2.91
CA LEU A 251 -14.79 9.81 -1.88
C LEU A 251 -14.53 11.30 -2.09
N PRO A 252 -14.19 12.03 -1.01
CA PRO A 252 -13.81 13.43 -1.19
C PRO A 252 -12.67 13.58 -2.19
N ASP A 253 -12.87 14.46 -3.16
CA ASP A 253 -11.89 14.65 -4.23
C ASP A 253 -10.61 15.25 -3.68
N ASP A 254 -10.73 16.07 -2.63
CA ASP A 254 -9.58 16.84 -2.16
C ASP A 254 -8.68 16.12 -1.15
N LYS A 255 -8.89 14.82 -0.96
CA LYS A 255 -8.05 14.03 -0.06
C LYS A 255 -7.48 12.83 -0.82
N PRO A 256 -6.37 12.27 -0.33
CA PRO A 256 -5.80 11.12 -1.03
C PRO A 256 -6.71 9.89 -1.01
N HIS A 257 -6.59 9.10 -2.07
CA HIS A 257 -7.35 7.86 -2.24
C HIS A 257 -6.37 6.70 -2.26
N TYR A 258 -6.58 5.74 -1.35
CA TYR A 258 -5.60 4.66 -1.14
C TYR A 258 -6.23 3.31 -1.42
N LEU A 259 -5.68 2.56 -2.37
CA LEU A 259 -6.20 1.25 -2.68
C LEU A 259 -5.32 0.20 -1.99
N MET A 260 -5.90 -0.49 -1.01
CA MET A 260 -5.13 -1.39 -0.16
C MET A 260 -4.83 -2.73 -0.83
N GLY A 261 -3.55 -3.12 -0.80
CA GLY A 261 -3.14 -4.44 -1.27
C GLY A 261 -3.02 -4.63 -2.77
N VAL A 262 -2.90 -3.53 -3.51
CA VAL A 262 -2.81 -3.57 -4.97
C VAL A 262 -1.50 -2.90 -5.39
N GLY A 263 -0.75 -3.50 -6.32
CA GLY A 263 -1.04 -4.77 -6.96
C GLY A 263 -0.01 -5.01 -8.06
N LYS A 264 -0.37 -5.78 -9.08
CA LYS A 264 0.48 -5.95 -10.26
C LYS A 264 0.58 -4.62 -11.00
N PRO A 265 1.65 -4.43 -11.79
CA PRO A 265 1.81 -3.14 -12.48
C PRO A 265 0.57 -2.67 -13.27
N ASP A 266 -0.08 -3.59 -13.99
CA ASP A 266 -1.27 -3.22 -14.75
CA ASP A 266 -1.26 -3.21 -14.75
C ASP A 266 -2.43 -2.86 -13.83
N ASP A 267 -2.50 -3.48 -12.66
CA ASP A 267 -3.53 -3.12 -11.68
C ASP A 267 -3.35 -1.68 -11.24
N ILE A 268 -2.09 -1.31 -11.00
CA ILE A 268 -1.78 0.04 -10.54
C ILE A 268 -2.12 1.08 -11.60
N VAL A 269 -1.73 0.83 -12.85
CA VAL A 269 -2.02 1.80 -13.90
C VAL A 269 -3.53 2.02 -14.04
N GLY A 270 -4.30 0.94 -14.07
CA GLY A 270 -5.75 1.03 -14.19
C GLY A 270 -6.39 1.71 -12.98
N ALA A 271 -5.86 1.45 -11.80
CA ALA A 271 -6.38 2.09 -10.60
C ALA A 271 -6.11 3.59 -10.59
N VAL A 272 -4.93 3.99 -11.08
CA VAL A 272 -4.62 5.43 -11.19
C VAL A 272 -5.58 6.09 -12.19
N GLU A 273 -5.86 5.41 -13.29
CA GLU A 273 -6.84 5.89 -14.29
C GLU A 273 -8.20 6.11 -13.65
N ARG A 274 -8.43 5.47 -12.50
CA ARG A 274 -9.72 5.55 -11.84
C ARG A 274 -9.68 6.39 -10.57
N GLY A 275 -8.57 7.11 -10.35
CA GLY A 275 -8.50 8.10 -9.30
C GLY A 275 -7.77 7.70 -8.02
N ILE A 276 -7.05 6.59 -8.04
CA ILE A 276 -6.28 6.17 -6.86
C ILE A 276 -4.90 6.87 -6.79
N ASP A 277 -4.50 7.27 -5.58
CA ASP A 277 -3.26 8.02 -5.34
C ASP A 277 -2.18 7.24 -4.58
N MET A 278 -2.56 6.14 -3.94
CA MET A 278 -1.64 5.40 -3.07
C MET A 278 -1.89 3.90 -3.16
N PHE A 279 -0.80 3.14 -3.05
CA PHE A 279 -0.78 1.70 -3.21
C PHE A 279 0.18 1.06 -2.25
N ASP A 280 -0.12 -0.17 -1.81
CA ASP A 280 0.86 -1.02 -1.14
C ASP A 280 0.69 -2.44 -1.65
N CYS A 281 1.78 -3.19 -1.75
CA CYS A 281 1.66 -4.58 -2.16
C CYS A 281 2.92 -5.34 -1.83
N VAL A 282 2.79 -6.59 -1.38
CA VAL A 282 3.95 -7.43 -1.13
C VAL A 282 4.54 -8.02 -2.42
N LEU A 283 3.88 -7.85 -3.57
CA LEU A 283 4.35 -8.53 -4.79
CA LEU A 283 4.34 -8.52 -4.80
C LEU A 283 5.81 -8.24 -5.17
N PRO A 284 6.25 -6.96 -5.20
CA PRO A 284 7.64 -6.81 -5.65
C PRO A 284 8.67 -7.49 -4.74
N THR A 285 8.45 -7.43 -3.45
CA THR A 285 9.34 -8.08 -2.51
C THR A 285 9.19 -9.62 -2.54
N ARG A 286 7.97 -10.11 -2.36
CA ARG A 286 7.71 -11.54 -2.35
CA ARG A 286 7.70 -11.54 -2.34
C ARG A 286 8.11 -12.20 -3.66
N SER A 287 7.73 -11.59 -4.79
CA SER A 287 8.11 -12.11 -6.10
C SER A 287 9.60 -12.14 -6.26
N GLY A 288 10.24 -11.10 -5.75
CA GLY A 288 11.69 -10.96 -5.86
C GLY A 288 12.38 -12.18 -5.28
N ARG A 289 11.99 -12.53 -4.06
CA ARG A 289 12.60 -13.66 -3.35
C ARG A 289 12.33 -14.97 -4.08
N ASN A 290 11.19 -15.05 -4.77
CA ASN A 290 10.80 -16.28 -5.45
C ASN A 290 11.24 -16.38 -6.91
N GLY A 291 12.01 -15.39 -7.37
CA GLY A 291 12.61 -15.46 -8.70
C GLY A 291 11.88 -14.75 -9.83
N GLN A 292 10.83 -14.01 -9.52
CA GLN A 292 10.11 -13.26 -10.54
C GLN A 292 10.57 -11.81 -10.57
N ALA A 293 11.07 -11.36 -11.72
CA ALA A 293 11.49 -9.97 -11.88
C ALA A 293 10.52 -9.24 -12.81
N PHE A 294 10.16 -8.02 -12.44
CA PHE A 294 9.29 -7.22 -13.29
C PHE A 294 10.12 -6.45 -14.31
N THR A 295 9.66 -6.45 -15.55
CA THR A 295 10.32 -5.71 -16.62
C THR A 295 9.27 -5.00 -17.45
N TRP A 296 9.69 -4.05 -18.27
CA TRP A 296 8.74 -3.34 -19.12
C TRP A 296 8.11 -4.24 -20.18
N ASP A 297 8.73 -5.39 -20.42
CA ASP A 297 8.19 -6.37 -21.34
C ASP A 297 7.48 -7.50 -20.60
N GLY A 298 7.07 -7.22 -19.37
CA GLY A 298 6.35 -8.20 -18.56
C GLY A 298 7.26 -8.89 -17.57
N PRO A 299 6.68 -9.69 -16.68
CA PRO A 299 7.50 -10.40 -15.69
C PRO A 299 8.30 -11.52 -16.33
N ILE A 300 9.46 -11.82 -15.75
CA ILE A 300 10.24 -12.99 -16.16
C ILE A 300 10.59 -13.84 -14.95
N ASN A 301 10.72 -15.16 -15.13
CA ASN A 301 11.26 -15.95 -14.03
C ASN A 301 12.71 -16.24 -14.25
N ILE A 302 13.52 -15.62 -13.43
CA ILE A 302 14.96 -15.61 -13.60
C ILE A 302 15.56 -17.00 -13.43
N ARG A 303 14.83 -17.91 -12.76
CA ARG A 303 15.31 -19.29 -12.63
CA ARG A 303 15.27 -19.30 -12.61
C ARG A 303 15.29 -20.06 -13.94
N ASN A 304 14.51 -19.58 -14.91
CA ASN A 304 14.39 -20.30 -16.19
C ASN A 304 15.74 -20.46 -16.87
N ALA A 305 15.98 -21.64 -17.44
CA ALA A 305 17.26 -21.97 -18.07
C ALA A 305 17.65 -21.00 -19.17
N ARG A 306 16.67 -20.34 -19.78
CA ARG A 306 16.97 -19.42 -20.88
C ARG A 306 17.82 -18.23 -20.44
N PHE A 307 17.94 -18.00 -19.13
CA PHE A 307 18.72 -16.87 -18.62
C PHE A 307 20.12 -17.27 -18.16
N SER A 308 20.47 -18.55 -18.26
CA SER A 308 21.73 -19.03 -17.71
C SER A 308 22.98 -18.37 -18.30
N GLU A 309 22.91 -17.90 -19.54
CA GLU A 309 24.06 -17.23 -20.16
C GLU A 309 23.71 -15.85 -20.69
N ASP A 310 22.66 -15.26 -20.12
CA ASP A 310 22.16 -13.98 -20.60
C ASP A 310 22.89 -12.86 -19.86
N LEU A 311 23.73 -12.12 -20.58
CA LEU A 311 24.52 -11.06 -19.95
C LEU A 311 23.78 -9.74 -19.80
N LYS A 312 22.58 -9.65 -20.34
CA LYS A 312 21.78 -8.44 -20.21
C LYS A 312 21.32 -8.24 -18.76
N PRO A 313 21.06 -6.99 -18.36
CA PRO A 313 20.47 -6.75 -17.03
C PRO A 313 19.04 -7.29 -16.98
N LEU A 314 18.46 -7.34 -15.79
CA LEU A 314 17.08 -7.81 -15.65
C LEU A 314 16.15 -7.08 -16.61
N ASP A 315 16.29 -5.76 -16.68
CA ASP A 315 15.51 -4.97 -17.63
C ASP A 315 16.43 -3.98 -18.34
N SER A 316 16.21 -3.84 -19.64
CA SER A 316 17.08 -3.07 -20.53
C SER A 316 17.08 -1.56 -20.29
N GLU A 317 16.07 -1.06 -19.61
CA GLU A 317 15.92 0.39 -19.43
C GLU A 317 16.05 0.80 -17.98
N CYS A 318 15.87 -0.17 -17.08
CA CYS A 318 15.85 0.09 -15.66
C CYS A 318 17.10 0.81 -15.16
N HIS A 319 16.88 1.83 -14.34
CA HIS A 319 17.96 2.67 -13.83
C HIS A 319 18.53 2.19 -12.51
N CYS A 320 18.05 1.04 -12.02
CA CYS A 320 18.42 0.64 -10.66
C CYS A 320 19.85 0.13 -10.59
N ALA A 321 20.42 0.10 -9.38
CA ALA A 321 21.81 -0.29 -9.22
C ALA A 321 22.08 -1.74 -9.62
N VAL A 322 21.07 -2.58 -9.51
CA VAL A 322 21.22 -3.99 -9.86
C VAL A 322 21.41 -4.10 -11.37
N CYS A 323 20.60 -3.37 -12.13
CA CYS A 323 20.71 -3.44 -13.58
C CYS A 323 21.94 -2.70 -14.13
N GLN A 324 22.51 -1.80 -13.32
CA GLN A 324 23.77 -1.15 -13.73
C GLN A 324 24.96 -2.10 -13.60
N LYS A 325 24.86 -3.13 -12.75
CA LYS A 325 26.05 -3.90 -12.39
C LYS A 325 26.00 -5.41 -12.64
N TRP A 326 24.85 -6.04 -12.49
CA TRP A 326 24.82 -7.50 -12.62
C TRP A 326 23.95 -8.01 -13.75
N SER A 327 24.32 -9.17 -14.26
CA SER A 327 23.64 -9.79 -15.38
C SER A 327 22.50 -10.70 -14.93
N ARG A 328 21.58 -10.95 -15.84
CA ARG A 328 20.58 -12.00 -15.64
C ARG A 328 21.23 -13.33 -15.30
N ALA A 329 22.30 -13.68 -16.01
CA ALA A 329 23.01 -14.93 -15.77
C ALA A 329 23.49 -15.07 -14.32
N TYR A 330 24.05 -14.01 -13.76
CA TYR A 330 24.52 -14.07 -12.38
C TYR A 330 23.36 -14.20 -11.40
N ILE A 331 22.31 -13.40 -11.60
CA ILE A 331 21.17 -13.46 -10.68
C ILE A 331 20.45 -14.82 -10.81
N HIS A 332 20.39 -15.36 -12.03
CA HIS A 332 19.90 -16.72 -12.26
C HIS A 332 20.66 -17.73 -11.40
N HIS A 333 21.99 -17.64 -11.44
CA HIS A 333 22.86 -18.50 -10.66
C HIS A 333 22.58 -18.36 -9.17
N LEU A 334 22.49 -17.12 -8.68
CA LEU A 334 22.25 -16.89 -7.26
C LEU A 334 20.93 -17.47 -6.79
N ILE A 335 19.86 -17.22 -7.53
CA ILE A 335 18.55 -17.70 -7.10
C ILE A 335 18.48 -19.22 -7.15
N ARG A 336 19.06 -19.84 -8.18
CA ARG A 336 19.07 -21.29 -8.24
C ARG A 336 19.91 -21.91 -7.11
N ALA A 337 20.96 -21.21 -6.68
CA ALA A 337 21.80 -21.66 -5.57
C ALA A 337 21.20 -21.34 -4.17
N GLY A 338 20.08 -20.64 -4.13
CA GLY A 338 19.46 -20.27 -2.86
C GLY A 338 20.25 -19.24 -2.07
N GLU A 339 20.99 -18.40 -2.78
CA GLU A 339 21.85 -17.41 -2.14
C GLU A 339 21.10 -16.16 -1.72
N ILE A 340 21.39 -15.68 -0.52
CA ILE A 340 20.76 -14.48 0.00
C ILE A 340 20.95 -13.29 -0.94
N LEU A 341 22.12 -13.17 -1.54
CA LEU A 341 22.35 -12.04 -2.45
C LEU A 341 21.36 -12.07 -3.62
N GLY A 342 20.93 -13.27 -4.03
CA GLY A 342 19.91 -13.34 -5.07
C GLY A 342 18.62 -12.65 -4.67
N ALA A 343 18.17 -12.93 -3.44
CA ALA A 343 16.96 -12.30 -2.91
C ALA A 343 17.15 -10.78 -2.81
N MET A 344 18.33 -10.37 -2.32
CA MET A 344 18.65 -8.95 -2.21
C MET A 344 18.55 -8.23 -3.56
N LEU A 345 19.20 -8.78 -4.57
CA LEU A 345 19.26 -8.12 -5.86
C LEU A 345 17.90 -8.12 -6.56
N MET A 346 17.18 -9.24 -6.54
CA MET A 346 15.86 -9.30 -7.14
C MET A 346 14.89 -8.32 -6.47
N THR A 347 14.96 -8.23 -5.15
CA THR A 347 14.05 -7.37 -4.40
C THR A 347 14.35 -5.90 -4.70
N GLU A 348 15.63 -5.53 -4.70
CA GLU A 348 15.98 -4.13 -4.98
C GLU A 348 15.54 -3.76 -6.39
N HIS A 349 15.78 -4.62 -7.36
CA HIS A 349 15.31 -4.32 -8.70
C HIS A 349 13.79 -4.20 -8.76
N ASN A 350 13.07 -5.13 -8.16
CA ASN A 350 11.61 -5.09 -8.27
C ASN A 350 11.01 -3.84 -7.62
N ILE A 351 11.53 -3.46 -6.45
CA ILE A 351 11.04 -2.25 -5.80
C ILE A 351 11.40 -1.02 -6.63
N ALA A 352 12.62 -0.99 -7.18
CA ALA A 352 13.01 0.09 -8.06
C ALA A 352 12.12 0.15 -9.30
N PHE A 353 11.78 -1.01 -9.86
CA PHE A 353 10.90 -1.02 -11.03
C PHE A 353 9.56 -0.40 -10.68
N TYR A 354 8.97 -0.83 -9.57
CA TYR A 354 7.71 -0.23 -9.11
C TYR A 354 7.82 1.29 -8.94
N GLN A 355 8.94 1.75 -8.38
CA GLN A 355 9.09 3.19 -8.20
C GLN A 355 9.23 3.91 -9.53
N GLN A 356 9.91 3.28 -10.49
CA GLN A 356 10.05 3.89 -11.81
C GLN A 356 8.71 3.91 -12.53
N LEU A 357 7.89 2.88 -12.33
CA LEU A 357 6.53 2.89 -12.82
C LEU A 357 5.76 4.08 -12.23
N MET A 358 5.86 4.27 -10.92
CA MET A 358 5.14 5.41 -10.30
C MET A 358 5.65 6.74 -10.83
N GLN A 359 6.96 6.87 -11.02
CA GLN A 359 7.53 8.10 -11.57
C GLN A 359 7.02 8.38 -12.98
N LYS A 360 6.94 7.34 -13.81
CA LYS A 360 6.43 7.52 -15.18
C LYS A 360 4.95 7.90 -15.16
N ILE A 361 4.22 7.33 -14.21
CA ILE A 361 2.81 7.68 -14.06
C ILE A 361 2.68 9.16 -13.65
N ARG A 362 3.45 9.56 -12.64
CA ARG A 362 3.44 10.96 -12.19
C ARG A 362 3.82 11.93 -13.30
N ASP A 363 4.90 11.63 -14.01
CA ASP A 363 5.36 12.51 -15.09
C ASP A 363 4.34 12.59 -16.22
N SER A 364 3.74 11.46 -16.58
CA SER A 364 2.83 11.47 -17.72
C SER A 364 1.53 12.21 -17.35
N ILE A 365 1.03 12.07 -16.12
CA ILE A 365 -0.14 12.85 -15.72
C ILE A 365 0.20 14.34 -15.71
N SER A 366 1.36 14.70 -15.18
CA SER A 366 1.81 16.09 -15.12
CA SER A 366 1.74 16.10 -15.13
CA SER A 366 1.77 16.09 -15.12
C SER A 366 1.87 16.70 -16.51
N GLU A 367 2.22 15.87 -17.49
CA GLU A 367 2.41 16.35 -18.86
C GLU A 367 1.19 16.14 -19.75
N GLY A 368 0.12 15.61 -19.17
CA GLY A 368 -1.12 15.43 -19.91
C GLY A 368 -1.05 14.36 -20.96
N ARG A 369 -0.20 13.35 -20.73
CA ARG A 369 -0.06 12.25 -21.68
C ARG A 369 -0.15 10.88 -20.98
N PHE A 370 -0.89 10.83 -19.89
CA PHE A 370 -1.03 9.60 -19.13
C PHE A 370 -1.86 8.55 -19.89
N SER A 371 -2.91 8.98 -20.59
CA SER A 371 -3.70 8.07 -21.41
C SER A 371 -2.81 7.33 -22.39
N GLN A 372 -1.94 8.07 -23.08
CA GLN A 372 -1.04 7.46 -24.03
C GLN A 372 -0.04 6.55 -23.34
N PHE A 373 0.44 6.97 -22.17
CA PHE A 373 1.38 6.14 -21.42
C PHE A 373 0.75 4.80 -21.04
N ALA A 374 -0.50 4.84 -20.59
CA ALA A 374 -1.19 3.62 -20.16
C ALA A 374 -1.33 2.66 -21.33
N GLN A 375 -1.70 3.20 -22.49
CA GLN A 375 -1.83 2.39 -23.69
C GLN A 375 -0.49 1.81 -24.12
N ASP A 376 0.55 2.64 -24.15
CA ASP A 376 1.89 2.19 -24.52
C ASP A 376 2.42 1.15 -23.55
N PHE A 377 2.17 1.38 -22.27
CA PHE A 377 2.62 0.46 -21.23
C PHE A 377 2.01 -0.91 -21.44
N ARG A 378 0.68 -0.95 -21.60
CA ARG A 378 -0.01 -2.23 -21.75
C ARG A 378 0.40 -2.97 -23.01
N ALA A 379 0.55 -2.24 -24.11
CA ALA A 379 0.89 -2.88 -25.38
C ALA A 379 2.22 -3.61 -25.27
N ARG A 380 3.18 -3.00 -24.57
CA ARG A 380 4.50 -3.59 -24.47
C ARG A 380 4.57 -4.64 -23.37
N TYR A 381 3.93 -4.36 -22.23
CA TYR A 381 3.99 -5.25 -21.08
C TYR A 381 3.35 -6.60 -21.39
N PHE A 382 2.28 -6.57 -22.18
CA PHE A 382 1.55 -7.79 -22.54
C PHE A 382 1.80 -8.29 -23.97
N ALA A 383 2.88 -7.84 -24.59
CA ALA A 383 3.17 -8.24 -25.98
C ALA A 383 3.43 -9.74 -26.05
ZN ZN B . 16.73 -2.89 -12.30
C1 GOL C . 16.90 5.48 5.04
O1 GOL C . 18.18 5.24 5.56
C2 GOL C . 16.41 6.80 5.60
O2 GOL C . 15.98 6.60 6.93
C3 GOL C . 15.27 7.31 4.72
O3 GOL C . 15.21 8.71 4.81
S DMS D . -4.16 13.30 26.05
O DMS D . -3.14 13.42 24.96
C1 DMS D . -4.53 11.53 26.31
C2 DMS D . -3.40 13.69 27.66
CL CL E . -0.44 -7.35 -0.69
O 2YO F . -10.52 -3.83 3.30
C1 2YO F . -9.40 -3.84 3.80
N1 2YO F . -9.14 -3.34 5.07
C2 2YO F . -8.24 -4.42 3.12
C15 2YO F . -7.00 -4.45 3.80
N6 2YO F . -6.89 -3.90 5.06
C 2YO F . -7.95 -3.35 5.68
C14 2YO F . -5.90 -5.12 3.22
C13 2YO F . -6.04 -5.72 1.96
C4 2YO F . -7.26 -5.65 1.30
C3 2YO F . -8.34 -5.01 1.86
N5 2YO F . -5.14 -6.50 1.23
C5 2YO F . -5.83 -6.85 0.15
N2 2YO F . -7.09 -6.37 0.12
N3 2YO F . -5.37 -7.59 -0.85
C6 2YO F . -4.03 -8.16 -0.85
C7 2YO F . -3.65 -8.75 -2.19
N4 2YO F . -2.28 -9.33 -2.20
C12 2YO F . -1.77 -9.48 -3.60
C11 2YO F . -0.34 -10.00 -3.60
C10 2YO F . -0.25 -11.32 -2.87
C9 2YO F . -0.82 -11.21 -1.47
C8 2YO F . -2.23 -10.66 -1.51
#